data_3OO8
#
_entry.id   3OO8
#
_cell.length_a   39.507
_cell.length_b   88.910
_cell.length_c   102.678
_cell.angle_alpha   90.00
_cell.angle_beta   90.00
_cell.angle_gamma   90.00
#
_symmetry.space_group_name_H-M   'P 21 21 21'
#
loop_
_entity.id
_entity.type
_entity.pdbx_description
1 polymer 'ABC transporter binding protein AcbH'
2 non-polymer 'SULFATE ION'
3 non-polymer GLYCEROL
4 water water
#
_entity_poly.entity_id   1
_entity_poly.type   'polypeptide(L)'
_entity_poly.pdbx_seq_one_letter_code
;MGSSHHHHHHSSGLVPRGSHMSVSDGNGPITFGSNYSDEAPKAAFASLMQQATTSTTVPVTVNTTDHNTFQNNISNYLQG
TPDSLATWFAGYRLQFFAAQGLLTPIDDVWDKIGGTFNDAAKSLSKGLDGHYYLVPLYNYPWVVFYNKSVFQSKGYEVPA
SWEAFIALARKMQSDGLVPLAFADKDGWPALGTFDILNLRINGYDYHIKLMKHEVPWTDPGVTKVFDQWRELAAYQQKGA
NGRTWQDAAKALENKQAGMMFQGSNQVAANYSAKNLPDLDFFVFPAINPQYGTDYMDAPTDGFILPKKGKNAAAAKKVLQ
YIGTAEAEAAFLKTDHWDVGLANGLIAPTYNDIQKKSVAEIGKCKSVSQFMERDTVPDMANAMIKLIQQFIDQPTPETIA
TVQKSAEDQAKTIFR
;
_entity_poly.pdbx_strand_id   A
#
loop_
_chem_comp.id
_chem_comp.type
_chem_comp.name
_chem_comp.formula
GOL non-polymer GLYCEROL 'C3 H8 O3'
SO4 non-polymer 'SULFATE ION' 'O4 S -2'
#
# COMPACT_ATOMS: atom_id res chain seq x y z
N GLY A 26 -18.97 25.81 -17.38
CA GLY A 26 -18.94 24.61 -16.51
C GLY A 26 -18.22 23.41 -17.14
N ASN A 27 -17.70 23.59 -18.35
CA ASN A 27 -16.98 22.51 -19.04
C ASN A 27 -15.66 22.97 -19.65
N GLY A 28 -15.15 24.12 -19.21
CA GLY A 28 -13.95 24.77 -19.79
C GLY A 28 -12.70 23.98 -19.47
N PRO A 29 -11.60 24.18 -20.23
CA PRO A 29 -10.38 23.37 -20.02
C PRO A 29 -9.86 23.40 -18.59
N ILE A 30 -9.63 22.23 -18.02
CA ILE A 30 -8.94 22.15 -16.72
C ILE A 30 -7.46 21.86 -16.87
N THR A 31 -6.66 22.17 -15.85
CA THR A 31 -5.30 21.68 -15.81
C THR A 31 -5.20 20.54 -14.79
N PHE A 32 -4.22 19.69 -14.98
CA PHE A 32 -4.08 18.50 -14.16
C PHE A 32 -2.62 18.36 -13.76
N GLY A 33 -2.37 18.44 -12.45
CA GLY A 33 -1.01 18.26 -11.95
C GLY A 33 -0.76 16.77 -11.82
N SER A 34 0.25 16.28 -12.55
CA SER A 34 0.52 14.86 -12.58
C SER A 34 1.95 14.47 -12.21
N ASN A 35 2.07 13.53 -11.28
CA ASN A 35 3.34 12.94 -10.89
C ASN A 35 3.66 11.68 -11.70
N TYR A 36 2.89 11.40 -12.75
CA TYR A 36 3.20 10.23 -13.58
C TYR A 36 4.27 10.62 -14.59
N SER A 37 5.52 10.57 -14.17
CA SER A 37 6.61 11.01 -15.03
C SER A 37 7.30 9.83 -15.75
N ASP A 38 7.20 8.62 -15.20
CA ASP A 38 7.75 7.43 -15.87
C ASP A 38 7.01 7.21 -17.21
N GLU A 39 7.73 6.68 -18.20
CA GLU A 39 7.21 6.57 -19.55
C GLU A 39 5.84 5.86 -19.64
N ALA A 40 5.73 4.67 -19.06
CA ALA A 40 4.49 3.90 -19.19
C ALA A 40 3.28 4.56 -18.52
N PRO A 41 3.37 4.88 -17.22
CA PRO A 41 2.20 5.53 -16.65
C PRO A 41 1.91 6.91 -17.23
N LYS A 42 2.93 7.67 -17.65
CA LYS A 42 2.69 8.94 -18.31
C LYS A 42 1.84 8.77 -19.58
N ALA A 43 2.14 7.74 -20.36
CA ALA A 43 1.41 7.48 -21.58
C ALA A 43 -0.01 7.03 -21.22
N ALA A 44 -0.12 6.18 -20.20
CA ALA A 44 -1.47 5.67 -19.81
C ALA A 44 -2.33 6.84 -19.33
N PHE A 45 -1.74 7.73 -18.52
CA PHE A 45 -2.51 8.86 -18.00
C PHE A 45 -2.93 9.78 -19.12
N ALA A 46 -2.04 9.99 -20.08
CA ALA A 46 -2.37 10.88 -21.22
C ALA A 46 -3.57 10.32 -21.99
N SER A 47 -3.53 9.02 -22.25
CA SER A 47 -4.62 8.35 -22.94
C SER A 47 -5.90 8.44 -22.14
N LEU A 48 -5.81 8.23 -20.82
CA LEU A 48 -6.99 8.29 -19.96
C LEU A 48 -7.63 9.65 -20.02
N MET A 49 -6.83 10.72 -20.07
CA MET A 49 -7.46 12.04 -20.07
C MET A 49 -8.15 12.30 -21.42
N GLN A 50 -7.60 11.75 -22.51
CA GLN A 50 -8.31 11.84 -23.81
C GLN A 50 -9.68 11.18 -23.69
N GLN A 51 -9.75 10.00 -23.03
CA GLN A 51 -11.01 9.30 -22.85
C GLN A 51 -11.96 10.10 -21.94
N ALA A 52 -11.39 10.77 -20.93
CA ALA A 52 -12.17 11.64 -20.02
C ALA A 52 -12.81 12.79 -20.76
N THR A 53 -12.04 13.44 -21.63
CA THR A 53 -12.62 14.51 -22.44
C THR A 53 -13.71 13.99 -23.38
N THR A 54 -13.45 12.88 -24.04
CA THR A 54 -14.46 12.32 -24.96
C THR A 54 -15.79 12.08 -24.22
N SER A 55 -15.72 11.57 -22.98
CA SER A 55 -16.91 11.24 -22.18
C SER A 55 -17.57 12.47 -21.57
N THR A 56 -16.78 13.30 -20.89
CA THR A 56 -17.36 14.42 -20.14
C THR A 56 -17.44 15.76 -20.89
N THR A 57 -16.75 15.86 -22.02
CA THR A 57 -16.55 17.08 -22.83
C THR A 57 -15.48 18.04 -22.27
N VAL A 58 -14.96 17.73 -21.08
CA VAL A 58 -14.05 18.70 -20.46
C VAL A 58 -12.66 18.54 -21.01
N PRO A 59 -12.10 19.57 -21.66
CA PRO A 59 -10.74 19.36 -22.17
C PRO A 59 -9.73 19.43 -21.02
N VAL A 60 -8.61 18.72 -21.15
CA VAL A 60 -7.62 18.64 -20.08
C VAL A 60 -6.22 18.92 -20.59
N THR A 61 -5.50 19.76 -19.86
CA THR A 61 -4.07 19.92 -20.06
C THR A 61 -3.32 19.28 -18.91
N VAL A 62 -2.46 18.30 -19.24
CA VAL A 62 -1.72 17.59 -18.21
C VAL A 62 -0.38 18.29 -18.02
N ASN A 63 -0.16 18.75 -16.80
CA ASN A 63 1.10 19.38 -16.41
C ASN A 63 1.89 18.35 -15.62
N THR A 64 2.88 17.73 -16.27
CA THR A 64 3.66 16.68 -15.64
C THR A 64 4.89 17.22 -14.98
N THR A 65 5.13 16.77 -13.75
CA THR A 65 6.33 17.11 -13.01
C THR A 65 7.02 15.80 -12.63
N ASP A 66 8.34 15.83 -12.63
CA ASP A 66 9.10 14.69 -12.13
C ASP A 66 8.48 14.14 -10.86
N HIS A 67 8.28 12.83 -10.82
CA HIS A 67 7.57 12.19 -9.71
C HIS A 67 8.02 12.60 -8.32
N ASN A 68 9.31 12.44 -8.04
CA ASN A 68 9.85 12.74 -6.73
C ASN A 68 9.75 14.21 -6.40
N THR A 69 10.02 15.05 -7.38
CA THR A 69 9.90 16.50 -7.22
C THR A 69 8.49 16.91 -6.84
N PHE A 70 7.50 16.37 -7.55
CA PHE A 70 6.10 16.68 -7.25
C PHE A 70 5.79 16.31 -5.79
N GLN A 71 6.20 15.11 -5.37
N GLN A 71 6.24 15.12 -5.37
CA GLN A 71 5.97 14.67 -4.01
CA GLN A 71 5.99 14.63 -4.02
C GLN A 71 6.59 15.69 -3.04
C GLN A 71 6.69 15.49 -2.96
N ASN A 72 7.85 16.02 -3.31
CA ASN A 72 8.60 16.91 -2.42
C ASN A 72 8.00 18.31 -2.31
N ASN A 73 7.36 18.77 -3.38
CA ASN A 73 6.81 20.12 -3.41
C ASN A 73 5.32 20.22 -3.06
N ILE A 74 4.70 19.11 -2.69
CA ILE A 74 3.24 19.11 -2.53
C ILE A 74 2.61 20.21 -1.67
N SER A 75 3.11 20.43 -0.47
CA SER A 75 2.49 21.43 0.42
C SER A 75 2.60 22.83 -0.21
N ASN A 76 3.78 23.17 -0.71
CA ASN A 76 4.01 24.48 -1.34
C ASN A 76 3.13 24.63 -2.58
N TYR A 77 3.05 23.53 -3.33
CA TYR A 77 2.21 23.47 -4.54
C TYR A 77 0.75 23.77 -4.27
N LEU A 78 0.18 23.13 -3.24
CA LEU A 78 -1.21 23.35 -2.90
C LEU A 78 -1.45 24.78 -2.39
N GLN A 79 -0.42 25.37 -1.78
CA GLN A 79 -0.60 26.71 -1.21
C GLN A 79 -0.38 27.83 -2.21
N GLY A 80 0.19 27.51 -3.36
CA GLY A 80 0.45 28.50 -4.40
C GLY A 80 -0.68 28.68 -5.38
N THR A 81 -0.44 28.21 -6.60
CA THR A 81 -1.45 28.32 -7.66
C THR A 81 -1.52 26.94 -8.33
N PRO A 82 -2.08 25.95 -7.61
CA PRO A 82 -2.13 24.57 -8.11
C PRO A 82 -3.05 24.40 -9.33
N ASP A 83 -2.95 23.22 -9.93
CA ASP A 83 -3.81 22.84 -11.06
C ASP A 83 -5.21 22.51 -10.55
N SER A 84 -6.14 22.28 -11.47
CA SER A 84 -7.55 22.07 -11.13
C SER A 84 -7.79 20.79 -10.36
N LEU A 85 -6.98 19.80 -10.72
CA LEU A 85 -6.95 18.47 -10.14
C LEU A 85 -5.49 18.08 -10.00
N ALA A 86 -5.20 17.14 -9.10
CA ALA A 86 -3.84 16.61 -8.99
C ALA A 86 -3.78 15.13 -8.58
N THR A 87 -2.71 14.48 -8.98
CA THR A 87 -2.45 13.15 -8.51
C THR A 87 -2.00 13.12 -7.06
N TRP A 88 -2.55 12.22 -6.25
CA TRP A 88 -2.03 12.06 -4.91
C TRP A 88 -2.33 10.61 -4.46
N PHE A 89 -2.45 10.37 -3.16
CA PHE A 89 -2.71 8.99 -2.70
C PHE A 89 -3.23 9.05 -1.27
N ALA A 90 -3.88 7.96 -0.85
CA ALA A 90 -4.42 7.86 0.49
C ALA A 90 -3.33 7.93 1.56
N GLY A 91 -3.72 8.34 2.77
CA GLY A 91 -2.81 8.25 3.90
C GLY A 91 -2.74 9.52 4.71
N TYR A 92 -1.66 9.60 5.49
CA TYR A 92 -1.49 10.70 6.44
C TYR A 92 -1.54 12.07 5.80
N ARG A 93 -0.80 12.24 4.72
CA ARG A 93 -0.70 13.56 4.07
C ARG A 93 -2.03 14.03 3.47
N LEU A 94 -2.78 13.10 2.86
CA LEU A 94 -4.10 13.45 2.35
C LEU A 94 -4.90 14.06 3.49
N GLN A 95 -4.92 13.36 4.62
CA GLN A 95 -5.71 13.86 5.75
C GLN A 95 -5.15 15.16 6.34
N PHE A 96 -3.84 15.32 6.30
CA PHE A 96 -3.17 16.53 6.80
C PHE A 96 -3.59 17.71 5.93
N PHE A 97 -3.49 17.56 4.61
CA PHE A 97 -3.86 18.66 3.74
C PHE A 97 -5.32 19.00 3.83
N ALA A 98 -6.18 17.99 3.92
CA ALA A 98 -7.64 18.21 4.08
C ALA A 98 -7.92 18.93 5.40
N ALA A 99 -7.21 18.54 6.45
CA ALA A 99 -7.38 19.17 7.78
C ALA A 99 -6.96 20.64 7.75
N GLN A 100 -5.98 20.94 6.91
CA GLN A 100 -5.41 22.27 6.79
C GLN A 100 -6.21 23.24 5.93
N GLY A 101 -7.25 22.74 5.26
CA GLY A 101 -8.08 23.54 4.39
C GLY A 101 -7.53 23.71 2.98
N LEU A 102 -6.61 22.83 2.58
CA LEU A 102 -6.00 22.94 1.26
C LEU A 102 -6.74 22.20 0.14
N LEU A 103 -7.72 21.39 0.51
CA LEU A 103 -8.44 20.55 -0.44
C LEU A 103 -9.93 20.81 -0.46
N THR A 104 -10.53 20.78 -1.65
CA THR A 104 -11.96 20.95 -1.78
C THR A 104 -12.63 19.61 -1.51
N PRO A 105 -13.61 19.57 -0.60
CA PRO A 105 -14.33 18.32 -0.40
C PRO A 105 -15.17 17.95 -1.63
N ILE A 106 -15.32 16.65 -1.87
CA ILE A 106 -16.00 16.16 -3.06
C ILE A 106 -17.13 15.18 -2.73
N ASP A 107 -17.93 15.56 -1.73
CA ASP A 107 -19.05 14.72 -1.34
C ASP A 107 -20.00 14.63 -2.53
N ASP A 108 -20.11 15.70 -3.30
CA ASP A 108 -20.96 15.72 -4.48
C ASP A 108 -20.55 14.71 -5.57
N VAL A 109 -19.25 14.63 -5.84
CA VAL A 109 -18.72 13.60 -6.73
C VAL A 109 -19.10 12.22 -6.20
N TRP A 110 -18.94 12.02 -4.89
CA TRP A 110 -19.21 10.73 -4.26
C TRP A 110 -20.69 10.34 -4.24
N ASP A 111 -21.57 11.33 -4.28
CA ASP A 111 -23.01 11.04 -4.40
C ASP A 111 -23.25 10.30 -5.73
N LYS A 112 -22.44 10.59 -6.74
CA LYS A 112 -22.60 9.95 -8.04
C LYS A 112 -21.81 8.65 -8.18
N ILE A 113 -20.61 8.62 -7.63
CA ILE A 113 -19.79 7.43 -7.84
C ILE A 113 -19.77 6.44 -6.68
N GLY A 114 -20.31 6.79 -5.52
CA GLY A 114 -20.23 5.97 -4.33
C GLY A 114 -20.71 4.53 -4.48
N GLY A 115 -21.71 4.29 -5.33
CA GLY A 115 -22.28 2.96 -5.53
C GLY A 115 -21.29 1.96 -6.09
N THR A 116 -20.19 2.49 -6.64
CA THR A 116 -19.19 1.66 -7.31
C THR A 116 -18.12 1.14 -6.38
N PHE A 117 -18.08 1.70 -5.16
CA PHE A 117 -17.00 1.41 -4.24
C PHE A 117 -17.43 0.82 -2.90
N ASN A 118 -16.59 -0.07 -2.35
CA ASN A 118 -16.90 -0.68 -1.04
C ASN A 118 -16.53 0.22 0.16
N ASP A 119 -16.79 -0.28 1.35
CA ASP A 119 -16.52 0.51 2.53
C ASP A 119 -15.05 0.84 2.70
N ALA A 120 -14.17 -0.11 2.42
CA ALA A 120 -12.75 0.19 2.54
C ALA A 120 -12.33 1.36 1.63
N ALA A 121 -12.85 1.35 0.39
CA ALA A 121 -12.53 2.39 -0.60
C ALA A 121 -13.03 3.76 -0.17
N LYS A 122 -14.22 3.77 0.41
CA LYS A 122 -14.80 5.00 0.93
C LYS A 122 -13.96 5.54 2.10
N SER A 123 -13.61 4.65 3.05
CA SER A 123 -12.80 5.07 4.20
C SER A 123 -11.48 5.73 3.81
N LEU A 124 -10.72 5.10 2.92
CA LEU A 124 -9.44 5.66 2.54
C LEU A 124 -9.50 6.95 1.73
N SER A 125 -10.72 7.32 1.33
CA SER A 125 -10.93 8.51 0.53
C SER A 125 -11.39 9.72 1.36
N LYS A 126 -11.56 9.51 2.66
CA LYS A 126 -12.10 10.60 3.53
C LYS A 126 -11.05 11.27 4.41
N GLY A 127 -11.37 12.50 4.80
CA GLY A 127 -10.54 13.24 5.75
C GLY A 127 -11.06 12.99 7.18
N LEU A 128 -10.38 13.59 8.15
CA LEU A 128 -10.70 13.40 9.56
C LEU A 128 -12.12 13.90 9.84
N ASP A 129 -12.53 14.86 9.03
CA ASP A 129 -13.83 15.49 9.22
C ASP A 129 -14.96 14.73 8.54
N GLY A 130 -14.66 13.57 7.96
CA GLY A 130 -15.68 12.71 7.38
C GLY A 130 -16.07 13.07 5.95
N HIS A 131 -15.59 14.20 5.44
CA HIS A 131 -15.85 14.55 4.03
C HIS A 131 -14.93 13.73 3.14
N TYR A 132 -15.37 13.52 1.89
CA TYR A 132 -14.51 12.89 0.89
C TYR A 132 -13.55 13.91 0.27
N TYR A 133 -12.30 13.50 0.02
CA TYR A 133 -11.29 14.38 -0.58
C TYR A 133 -10.53 13.72 -1.75
N LEU A 134 -10.65 12.39 -1.83
CA LEU A 134 -9.91 11.63 -2.83
C LEU A 134 -10.85 10.82 -3.71
N VAL A 135 -10.49 10.67 -5.00
CA VAL A 135 -11.10 9.60 -5.82
C VAL A 135 -10.00 8.58 -6.08
N PRO A 136 -10.17 7.35 -5.59
CA PRO A 136 -9.05 6.40 -5.80
C PRO A 136 -9.13 5.75 -7.17
N LEU A 137 -8.01 5.19 -7.62
CA LEU A 137 -7.94 4.56 -8.95
C LEU A 137 -7.52 3.10 -8.86
N TYR A 138 -6.42 2.80 -8.16
CA TYR A 138 -5.89 1.43 -8.11
C TYR A 138 -5.04 1.25 -6.85
N ASN A 139 -4.82 -0.01 -6.52
CA ASN A 139 -3.90 -0.40 -5.43
C ASN A 139 -3.23 -1.73 -5.75
N TYR A 140 -2.41 -2.26 -4.83
CA TYR A 140 -1.79 -3.59 -5.00
C TYR A 140 -1.53 -4.12 -3.60
N PRO A 141 -1.42 -5.44 -3.47
CA PRO A 141 -1.36 -6.05 -2.15
C PRO A 141 0.03 -6.40 -1.61
N TRP A 142 0.10 -6.41 -0.27
CA TRP A 142 1.27 -6.93 0.47
C TRP A 142 0.81 -8.24 1.06
N VAL A 143 1.37 -9.35 0.54
CA VAL A 143 0.86 -10.69 0.82
C VAL A 143 2.06 -11.66 0.75
N VAL A 144 1.83 -12.93 1.09
CA VAL A 144 2.92 -13.93 1.16
C VAL A 144 2.91 -14.74 -0.14
N PHE A 145 4.02 -14.66 -0.86
CA PHE A 145 4.16 -15.35 -2.16
C PHE A 145 4.82 -16.70 -1.98
N TYR A 146 4.46 -17.62 -2.86
CA TYR A 146 5.06 -18.98 -2.84
C TYR A 146 4.97 -19.56 -4.23
N ASN A 147 5.66 -20.69 -4.46
CA ASN A 147 5.57 -21.38 -5.75
C ASN A 147 4.59 -22.55 -5.65
N LYS A 148 3.59 -22.58 -6.53
CA LYS A 148 2.53 -23.60 -6.47
C LYS A 148 3.09 -25.01 -6.62
N SER A 149 3.99 -25.17 -7.59
CA SER A 149 4.62 -26.47 -7.81
C SER A 149 5.33 -27.04 -6.58
N VAL A 150 5.94 -26.17 -5.78
CA VAL A 150 6.63 -26.60 -4.57
C VAL A 150 5.63 -27.04 -3.50
N PHE A 151 4.60 -26.22 -3.26
CA PHE A 151 3.60 -26.61 -2.29
C PHE A 151 2.93 -27.93 -2.72
N GLN A 152 2.64 -28.06 -4.02
CA GLN A 152 2.05 -29.30 -4.55
C GLN A 152 2.97 -30.52 -4.34
N SER A 153 4.26 -30.35 -4.64
CA SER A 153 5.22 -31.44 -4.57
C SER A 153 5.55 -31.88 -3.12
N LYS A 154 5.70 -30.90 -2.24
CA LYS A 154 6.10 -31.16 -0.86
C LYS A 154 4.99 -31.38 0.15
N GLY A 155 3.76 -31.32 -0.32
CA GLY A 155 2.58 -31.45 0.52
C GLY A 155 2.39 -30.30 1.51
N TYR A 156 2.65 -29.08 1.07
CA TYR A 156 2.43 -27.88 1.90
C TYR A 156 1.05 -27.34 1.61
N GLU A 157 0.31 -27.08 2.68
CA GLU A 157 -1.03 -26.48 2.59
C GLU A 157 -0.96 -25.01 2.95
N VAL A 158 -1.79 -24.21 2.29
CA VAL A 158 -1.92 -22.77 2.59
C VAL A 158 -2.44 -22.60 4.02
N PRO A 159 -1.70 -21.84 4.86
CA PRO A 159 -2.08 -21.71 6.27
C PRO A 159 -3.05 -20.54 6.50
N ALA A 160 -4.17 -20.84 7.16
CA ALA A 160 -5.12 -19.79 7.52
C ALA A 160 -4.78 -19.12 8.84
N SER A 161 -4.10 -19.85 9.72
CA SER A 161 -3.79 -19.37 11.06
C SER A 161 -2.30 -19.28 11.33
N TRP A 162 -1.93 -18.50 12.34
CA TRP A 162 -0.55 -18.41 12.76
C TRP A 162 -0.04 -19.79 13.15
N GLU A 163 -0.86 -20.60 13.82
CA GLU A 163 -0.34 -21.91 14.25
C GLU A 163 0.02 -22.75 13.04
N ALA A 164 -0.80 -22.70 11.99
CA ALA A 164 -0.53 -23.53 10.79
C ALA A 164 0.67 -22.96 10.06
N PHE A 165 0.81 -21.64 10.12
CA PHE A 165 1.92 -20.91 9.49
C PHE A 165 3.26 -21.30 10.09
N ILE A 166 3.32 -21.37 11.41
CA ILE A 166 4.54 -21.69 12.12
C ILE A 166 4.82 -23.16 11.87
N ALA A 167 3.76 -23.97 11.87
CA ALA A 167 3.96 -25.41 11.64
C ALA A 167 4.54 -25.65 10.23
N LEU A 168 4.05 -24.89 9.27
CA LEU A 168 4.54 -24.96 7.88
C LEU A 168 6.00 -24.51 7.78
N ALA A 169 6.30 -23.38 8.43
CA ALA A 169 7.66 -22.86 8.49
C ALA A 169 8.59 -23.92 9.07
N ARG A 170 8.13 -24.57 10.13
CA ARG A 170 8.92 -25.61 10.77
C ARG A 170 9.13 -26.80 9.84
N LYS A 171 8.08 -27.17 9.11
CA LYS A 171 8.17 -28.28 8.16
C LYS A 171 9.18 -27.93 7.05
N MET A 172 9.12 -26.70 6.58
CA MET A 172 10.05 -26.22 5.57
C MET A 172 11.50 -26.29 6.03
N GLN A 173 11.75 -25.91 7.28
CA GLN A 173 13.10 -26.00 7.82
C GLN A 173 13.58 -27.45 7.84
N SER A 174 12.73 -28.34 8.33
CA SER A 174 13.04 -29.80 8.34
C SER A 174 13.29 -30.30 6.92
N ASP A 175 12.58 -29.73 5.95
CA ASP A 175 12.79 -30.07 4.55
C ASP A 175 14.03 -29.39 3.94
N GLY A 176 14.77 -28.62 4.74
CA GLY A 176 15.97 -27.94 4.24
C GLY A 176 15.73 -26.68 3.42
N LEU A 177 14.61 -26.00 3.65
CA LEU A 177 14.30 -24.82 2.88
C LEU A 177 14.28 -23.64 3.84
N VAL A 178 14.69 -22.46 3.37
CA VAL A 178 14.56 -21.23 4.17
C VAL A 178 13.05 -20.92 4.12
N PRO A 179 12.38 -20.78 5.28
CA PRO A 179 10.92 -20.61 5.17
C PRO A 179 10.53 -19.30 4.51
N LEU A 180 11.05 -18.20 5.06
CA LEU A 180 10.73 -16.90 4.52
C LEU A 180 11.97 -16.19 4.01
N ALA A 181 12.05 -16.03 2.69
CA ALA A 181 13.07 -15.15 2.13
C ALA A 181 12.83 -13.77 2.75
N PHE A 182 13.91 -13.12 3.15
CA PHE A 182 13.78 -11.86 3.89
C PHE A 182 14.98 -10.96 3.61
N ALA A 183 14.70 -9.67 3.41
CA ALA A 183 15.70 -8.69 3.03
C ALA A 183 15.31 -7.33 3.60
N ASP A 184 16.33 -6.57 4.04
CA ASP A 184 16.04 -5.24 4.56
C ASP A 184 17.18 -4.22 4.36
N LYS A 185 18.13 -4.55 3.51
CA LYS A 185 19.14 -3.54 3.19
C LYS A 185 18.50 -2.25 2.68
N ASP A 186 17.37 -2.38 1.98
CA ASP A 186 16.62 -1.25 1.41
C ASP A 186 15.84 -0.43 2.43
N GLY A 187 15.73 -0.95 3.65
CA GLY A 187 15.20 -0.21 4.79
C GLY A 187 13.69 -0.30 4.88
N TRP A 188 13.03 -0.04 3.77
CA TRP A 188 11.56 -0.04 3.80
C TRP A 188 10.89 -1.45 3.79
N PRO A 189 11.51 -2.49 3.20
CA PRO A 189 10.76 -3.76 3.17
C PRO A 189 10.25 -4.28 4.52
N ALA A 190 11.06 -4.18 5.58
CA ALA A 190 10.68 -4.72 6.90
C ALA A 190 9.54 -3.96 7.55
N LEU A 191 9.33 -2.72 7.12
CA LEU A 191 8.20 -1.96 7.66
C LEU A 191 6.89 -2.71 7.39
N GLY A 192 6.83 -3.45 6.29
CA GLY A 192 5.62 -4.22 5.96
C GLY A 192 5.33 -5.31 6.97
N THR A 193 6.37 -5.92 7.52
CA THR A 193 6.18 -6.94 8.54
C THR A 193 5.66 -6.29 9.84
N PHE A 194 6.20 -5.14 10.21
CA PHE A 194 5.67 -4.43 11.37
C PHE A 194 4.18 -4.16 11.17
N ASP A 195 3.85 -3.59 10.01
CA ASP A 195 2.47 -3.25 9.73
C ASP A 195 1.52 -4.43 9.84
N ILE A 196 1.87 -5.55 9.22
CA ILE A 196 0.93 -6.68 9.19
C ILE A 196 0.77 -7.33 10.56
N LEU A 197 1.88 -7.47 11.31
CA LEU A 197 1.80 -7.98 12.69
C LEU A 197 0.89 -7.07 13.52
N ASN A 198 1.07 -5.76 13.40
CA ASN A 198 0.22 -4.82 14.14
C ASN A 198 -1.26 -4.93 13.76
N LEU A 199 -1.55 -5.03 12.45
CA LEU A 199 -2.94 -5.18 11.96
C LEU A 199 -3.57 -6.50 12.43
N ARG A 200 -2.76 -7.55 12.53
CA ARG A 200 -3.27 -8.87 12.94
C ARG A 200 -3.42 -9.03 14.45
N ILE A 201 -2.56 -8.37 15.23
CA ILE A 201 -2.58 -8.47 16.72
C ILE A 201 -3.50 -7.40 17.33
N ASN A 202 -3.28 -6.15 16.91
CA ASN A 202 -3.95 -4.98 17.49
C ASN A 202 -5.09 -4.38 16.68
N GLY A 203 -5.10 -4.63 15.37
CA GLY A 203 -6.19 -4.18 14.52
C GLY A 203 -5.91 -2.86 13.84
N TYR A 204 -6.80 -2.48 12.93
CA TYR A 204 -6.60 -1.33 12.04
C TYR A 204 -6.69 0.00 12.81
N ASP A 205 -7.73 0.14 13.62
CA ASP A 205 -7.90 1.39 14.35
C ASP A 205 -6.69 1.72 15.22
N TYR A 206 -6.19 0.72 15.94
CA TYR A 206 -4.94 0.90 16.71
C TYR A 206 -3.73 1.21 15.84
N HIS A 207 -3.55 0.48 14.72
CA HIS A 207 -2.44 0.78 13.84
C HIS A 207 -2.46 2.24 13.38
N ILE A 208 -3.63 2.74 12.96
CA ILE A 208 -3.71 4.13 12.51
C ILE A 208 -3.45 5.12 13.67
N LYS A 209 -3.96 4.81 14.87
CA LYS A 209 -3.69 5.66 16.04
C LYS A 209 -2.21 5.73 16.30
N LEU A 210 -1.53 4.58 16.19
CA LEU A 210 -0.09 4.55 16.39
C LEU A 210 0.61 5.40 15.33
N MET A 211 0.17 5.25 14.07
CA MET A 211 0.72 6.06 12.98
C MET A 211 0.56 7.53 13.23
N LYS A 212 -0.58 7.94 13.77
CA LYS A 212 -0.87 9.35 14.05
C LYS A 212 -0.29 9.83 15.39
N HIS A 213 0.37 8.92 16.10
CA HIS A 213 0.89 9.16 17.46
C HIS A 213 -0.22 9.50 18.48
N GLU A 214 -1.40 8.93 18.29
CA GLU A 214 -2.50 8.95 19.25
C GLU A 214 -2.30 7.91 20.34
N VAL A 215 -1.40 6.97 20.07
CA VAL A 215 -0.94 5.95 21.02
C VAL A 215 0.60 6.05 20.94
N PRO A 216 1.29 5.93 22.08
CA PRO A 216 2.76 6.05 22.01
C PRO A 216 3.47 4.76 21.58
N TRP A 217 4.70 4.89 21.09
CA TRP A 217 5.47 3.73 20.66
C TRP A 217 5.85 2.86 21.82
N THR A 218 5.68 3.35 23.04
CA THR A 218 5.96 2.58 24.26
C THR A 218 4.75 1.76 24.70
N ASP A 219 3.66 1.84 23.94
CA ASP A 219 2.45 1.14 24.33
C ASP A 219 2.64 -0.36 24.33
N PRO A 220 1.99 -1.09 25.27
CA PRO A 220 2.24 -2.53 25.26
C PRO A 220 1.83 -3.24 23.97
N GLY A 221 0.91 -2.67 23.20
CA GLY A 221 0.54 -3.31 21.93
C GLY A 221 1.72 -3.41 20.98
N VAL A 222 2.63 -2.44 21.10
CA VAL A 222 3.84 -2.42 20.28
C VAL A 222 4.81 -3.48 20.77
N THR A 223 4.90 -3.65 22.08
CA THR A 223 5.74 -4.71 22.63
C THR A 223 5.24 -6.05 22.11
N LYS A 224 3.94 -6.21 22.05
CA LYS A 224 3.35 -7.47 21.58
C LYS A 224 3.67 -7.76 20.12
N VAL A 225 3.68 -6.70 19.31
CA VAL A 225 4.14 -6.85 17.91
C VAL A 225 5.55 -7.40 17.82
N PHE A 226 6.46 -6.79 18.57
CA PHE A 226 7.86 -7.22 18.50
C PHE A 226 8.08 -8.60 19.13
N ASP A 227 7.32 -8.90 20.17
CA ASP A 227 7.35 -10.23 20.80
C ASP A 227 6.92 -11.28 19.80
N GLN A 228 5.90 -10.99 18.99
CA GLN A 228 5.48 -11.95 17.95
C GLN A 228 6.57 -12.07 16.90
N TRP A 229 7.23 -10.97 16.60
CA TRP A 229 8.27 -10.96 15.57
C TRP A 229 9.48 -11.78 16.04
N ARG A 230 9.71 -11.81 17.36
CA ARG A 230 10.81 -12.64 17.88
C ARG A 230 10.60 -14.07 17.45
N GLU A 231 9.36 -14.52 17.49
CA GLU A 231 9.06 -15.88 17.05
C GLU A 231 9.25 -16.02 15.53
N LEU A 232 8.64 -15.10 14.79
CA LEU A 232 8.70 -15.09 13.33
C LEU A 232 10.14 -15.12 12.80
N ALA A 233 11.01 -14.36 13.45
CA ALA A 233 12.39 -14.18 13.01
C ALA A 233 13.17 -15.47 12.99
N ALA A 234 12.72 -16.45 13.78
CA ALA A 234 13.36 -17.79 13.76
C ALA A 234 13.26 -18.41 12.36
N TYR A 235 12.27 -17.99 11.58
CA TYR A 235 12.00 -18.58 10.28
C TYR A 235 12.30 -17.65 9.11
N GLN A 236 12.87 -16.49 9.42
CA GLN A 236 13.27 -15.54 8.41
C GLN A 236 14.72 -15.69 7.99
N GLN A 237 14.95 -15.53 6.70
CA GLN A 237 16.29 -15.69 6.14
C GLN A 237 17.37 -14.89 6.90
N LYS A 238 18.51 -15.52 7.18
CA LYS A 238 19.61 -14.83 7.87
C LYS A 238 20.31 -13.81 6.97
N GLY A 239 21.05 -12.88 7.57
CA GLY A 239 21.75 -11.88 6.79
C GLY A 239 20.83 -10.89 6.08
N ALA A 240 19.65 -10.68 6.65
CA ALA A 240 18.66 -9.82 6.00
C ALA A 240 19.07 -8.36 5.82
N ASN A 241 19.74 -7.78 6.81
CA ASN A 241 20.11 -6.37 6.74
C ASN A 241 21.11 -6.07 5.63
N GLY A 242 21.80 -7.11 5.14
CA GLY A 242 22.73 -6.96 4.04
C GLY A 242 22.17 -7.35 2.68
N ARG A 243 20.90 -7.73 2.64
CA ARG A 243 20.28 -8.28 1.42
C ARG A 243 19.31 -7.33 0.75
N THR A 244 19.37 -7.24 -0.57
CA THR A 244 18.39 -6.45 -1.33
C THR A 244 17.11 -7.27 -1.49
N TRP A 245 15.98 -6.58 -1.63
CA TRP A 245 14.75 -7.33 -1.75
C TRP A 245 14.75 -8.19 -3.03
N GLN A 246 15.36 -7.71 -4.10
CA GLN A 246 15.42 -8.52 -5.32
C GLN A 246 16.17 -9.85 -5.08
N ASP A 247 17.23 -9.82 -4.27
CA ASP A 247 17.94 -11.07 -4.00
C ASP A 247 17.11 -12.06 -3.18
N ALA A 248 16.26 -11.55 -2.29
CA ALA A 248 15.34 -12.40 -1.56
C ALA A 248 14.29 -12.95 -2.54
N ALA A 249 13.79 -12.11 -3.44
CA ALA A 249 12.82 -12.54 -4.43
C ALA A 249 13.41 -13.61 -5.36
N LYS A 250 14.70 -13.47 -5.69
CA LYS A 250 15.37 -14.46 -6.54
C LYS A 250 15.51 -15.79 -5.78
N ALA A 251 15.74 -15.71 -4.47
CA ALA A 251 15.80 -16.94 -3.66
C ALA A 251 14.49 -17.73 -3.72
N LEU A 252 13.35 -17.01 -3.62
CA LEU A 252 12.05 -17.65 -3.75
C LEU A 252 11.89 -18.24 -5.16
N GLU A 253 12.22 -17.44 -6.17
CA GLU A 253 12.08 -17.85 -7.56
C GLU A 253 12.92 -19.08 -7.88
N ASN A 254 14.12 -19.13 -7.30
CA ASN A 254 15.06 -20.24 -7.51
C ASN A 254 14.76 -21.42 -6.59
N LYS A 255 13.63 -21.34 -5.88
CA LYS A 255 13.20 -22.39 -4.96
C LYS A 255 14.12 -22.67 -3.76
N GLN A 256 14.91 -21.68 -3.38
CA GLN A 256 15.77 -21.78 -2.23
C GLN A 256 15.04 -21.35 -0.96
N ALA A 257 13.92 -20.64 -1.14
CA ALA A 257 13.08 -20.23 -0.02
C ALA A 257 11.65 -20.68 -0.33
N GLY A 258 10.87 -20.97 0.70
CA GLY A 258 9.49 -21.43 0.53
C GLY A 258 8.44 -20.34 0.34
N MET A 259 8.68 -19.16 0.92
CA MET A 259 7.73 -18.02 0.88
C MET A 259 8.46 -16.68 0.92
N MET A 260 7.77 -15.61 0.55
CA MET A 260 8.31 -14.28 0.76
C MET A 260 7.15 -13.29 0.90
N PHE A 261 7.17 -12.47 1.94
CA PHE A 261 6.10 -11.47 2.17
C PHE A 261 6.56 -10.13 1.66
N GLN A 262 5.87 -9.59 0.66
CA GLN A 262 6.16 -8.22 0.20
C GLN A 262 5.05 -7.77 -0.77
N GLY A 263 5.23 -6.62 -1.42
CA GLY A 263 4.22 -6.12 -2.37
C GLY A 263 4.23 -6.87 -3.68
N SER A 264 3.07 -7.04 -4.32
CA SER A 264 3.08 -7.78 -5.60
C SER A 264 3.86 -7.08 -6.72
N ASN A 265 3.89 -5.76 -6.71
CA ASN A 265 4.64 -4.99 -7.71
C ASN A 265 6.16 -5.07 -7.50
N GLN A 266 6.53 -5.84 -6.48
CA GLN A 266 7.94 -6.12 -6.20
C GLN A 266 8.21 -7.58 -6.53
N VAL A 267 7.67 -8.49 -5.71
CA VAL A 267 7.98 -9.91 -5.88
C VAL A 267 7.54 -10.44 -7.25
N ALA A 268 6.28 -10.24 -7.62
CA ALA A 268 5.78 -10.80 -8.88
C ALA A 268 6.47 -10.14 -10.08
N ALA A 269 6.71 -8.83 -9.96
CA ALA A 269 7.37 -8.09 -11.03
C ALA A 269 8.77 -8.63 -11.26
N ASN A 270 9.39 -9.15 -10.21
CA ASN A 270 10.79 -9.62 -10.29
C ASN A 270 10.92 -10.96 -10.97
N TYR A 271 9.84 -11.74 -10.98
CA TYR A 271 9.86 -13.08 -11.57
C TYR A 271 10.07 -12.99 -13.08
N SER A 272 10.76 -13.99 -13.62
CA SER A 272 10.86 -14.11 -15.08
C SER A 272 9.48 -14.49 -15.64
N ALA A 273 9.22 -14.16 -16.90
CA ALA A 273 7.98 -14.54 -17.56
C ALA A 273 7.74 -16.06 -17.54
N LYS A 274 8.81 -16.85 -17.64
CA LYS A 274 8.71 -18.31 -17.61
C LYS A 274 8.30 -18.88 -16.24
N ASN A 275 8.66 -18.18 -15.17
CA ASN A 275 8.36 -18.69 -13.82
C ASN A 275 7.09 -18.12 -13.20
N LEU A 276 6.63 -16.99 -13.75
CA LEU A 276 5.43 -16.31 -13.23
C LEU A 276 4.20 -17.20 -13.14
N PRO A 277 4.01 -18.12 -14.10
CA PRO A 277 2.88 -19.02 -13.99
C PRO A 277 2.83 -19.85 -12.69
N ASP A 278 3.98 -20.10 -12.07
CA ASP A 278 4.03 -20.89 -10.85
C ASP A 278 3.84 -20.04 -9.59
N LEU A 279 3.79 -18.73 -9.75
CA LEU A 279 3.69 -17.84 -8.58
C LEU A 279 2.24 -17.69 -8.10
N ASP A 280 2.04 -17.80 -6.79
CA ASP A 280 0.73 -17.55 -6.20
C ASP A 280 0.98 -16.84 -4.87
N PHE A 281 -0.08 -16.52 -4.16
CA PHE A 281 0.11 -15.93 -2.83
C PHE A 281 -1.04 -16.26 -1.93
N PHE A 282 -0.79 -16.09 -0.63
CA PHE A 282 -1.88 -16.14 0.35
C PHE A 282 -1.76 -14.92 1.26
N VAL A 283 -2.89 -14.47 1.84
CA VAL A 283 -2.78 -13.36 2.77
C VAL A 283 -2.09 -13.79 4.07
N PHE A 284 -1.45 -12.82 4.72
CA PHE A 284 -0.77 -13.17 5.97
C PHE A 284 -1.76 -13.83 6.92
N PRO A 285 -1.38 -14.94 7.57
CA PRO A 285 -2.34 -15.68 8.42
C PRO A 285 -2.91 -14.90 9.61
N ALA A 286 -4.03 -15.38 10.13
CA ALA A 286 -4.72 -14.74 11.25
C ALA A 286 -3.94 -15.03 12.53
N ILE A 287 -3.81 -14.02 13.39
CA ILE A 287 -3.21 -14.21 14.70
C ILE A 287 -4.28 -14.03 15.78
N ASN A 288 -4.93 -12.87 15.80
CA ASN A 288 -5.94 -12.56 16.81
C ASN A 288 -7.27 -12.63 16.07
N PRO A 289 -8.05 -13.67 16.35
CA PRO A 289 -9.26 -13.85 15.59
C PRO A 289 -10.22 -12.64 15.62
N GLN A 290 -10.04 -11.73 16.57
CA GLN A 290 -10.90 -10.53 16.56
C GLN A 290 -10.71 -9.76 15.24
N TYR A 291 -9.50 -9.81 14.70
CA TYR A 291 -9.17 -9.06 13.48
C TYR A 291 -8.99 -9.93 12.25
N GLY A 292 -9.15 -11.24 12.41
CA GLY A 292 -9.03 -12.21 11.32
C GLY A 292 -7.92 -11.87 10.33
N THR A 293 -8.29 -11.84 9.05
CA THR A 293 -7.41 -11.33 8.02
C THR A 293 -8.07 -10.10 7.42
N ASP A 294 -8.71 -9.30 8.28
CA ASP A 294 -9.56 -8.23 7.78
C ASP A 294 -8.85 -7.04 7.15
N TYR A 295 -7.55 -6.95 7.38
CA TYR A 295 -6.80 -5.73 7.02
C TYR A 295 -5.57 -6.07 6.23
N MET A 296 -5.13 -5.16 5.37
CA MET A 296 -3.94 -5.38 4.54
C MET A 296 -3.36 -4.02 4.20
N ASP A 297 -2.05 -3.91 4.06
CA ASP A 297 -1.43 -2.75 3.41
C ASP A 297 -1.71 -2.92 1.89
N ALA A 298 -2.45 -1.99 1.31
CA ALA A 298 -2.68 -2.01 -0.14
C ALA A 298 -2.59 -0.56 -0.61
N PRO A 299 -1.36 -0.07 -0.88
CA PRO A 299 -1.16 1.35 -1.20
C PRO A 299 -1.99 1.82 -2.39
N THR A 300 -2.84 2.84 -2.15
CA THR A 300 -3.86 3.25 -3.08
C THR A 300 -3.59 4.66 -3.62
N ASP A 301 -3.48 4.74 -4.94
CA ASP A 301 -3.22 5.99 -5.61
C ASP A 301 -4.55 6.60 -6.09
N GLY A 302 -4.63 7.92 -6.17
CA GLY A 302 -5.87 8.55 -6.65
C GLY A 302 -5.65 10.00 -6.99
N PHE A 303 -6.72 10.79 -6.84
CA PHE A 303 -6.70 12.18 -7.28
C PHE A 303 -7.43 13.05 -6.27
N ILE A 304 -6.93 14.28 -6.19
CA ILE A 304 -7.49 15.28 -5.29
C ILE A 304 -7.83 16.56 -6.07
N LEU A 305 -8.64 17.40 -5.42
CA LEU A 305 -9.06 18.68 -5.98
C LEU A 305 -8.52 19.84 -5.11
N PRO A 306 -7.41 20.46 -5.52
CA PRO A 306 -6.81 21.54 -4.72
C PRO A 306 -7.78 22.68 -4.51
N LYS A 307 -7.98 23.08 -3.26
CA LYS A 307 -8.90 24.20 -2.99
C LYS A 307 -8.56 25.44 -3.82
N LYS A 308 -7.27 25.72 -3.99
CA LYS A 308 -6.79 26.91 -4.73
C LYS A 308 -6.76 26.68 -6.24
N GLY A 309 -7.15 25.48 -6.67
CA GLY A 309 -7.24 25.22 -8.10
C GLY A 309 -8.38 25.99 -8.73
N LYS A 310 -8.34 26.14 -10.04
CA LYS A 310 -9.40 26.82 -10.76
C LYS A 310 -10.36 25.86 -11.47
N ASN A 311 -11.55 26.35 -11.79
CA ASN A 311 -12.52 25.57 -12.54
C ASN A 311 -12.97 24.29 -11.84
N ALA A 312 -13.39 24.43 -10.58
CA ALA A 312 -13.79 23.27 -9.77
C ALA A 312 -14.94 22.46 -10.36
N ALA A 313 -15.94 23.13 -10.94
CA ALA A 313 -17.09 22.42 -11.47
C ALA A 313 -16.68 21.42 -12.55
N ALA A 314 -15.81 21.87 -13.46
CA ALA A 314 -15.37 21.02 -14.56
C ALA A 314 -14.47 19.93 -14.00
N ALA A 315 -13.70 20.28 -12.98
CA ALA A 315 -12.76 19.29 -12.37
C ALA A 315 -13.57 18.16 -11.75
N LYS A 316 -14.70 18.50 -11.14
CA LYS A 316 -15.54 17.48 -10.54
C LYS A 316 -16.12 16.53 -11.58
N LYS A 317 -16.41 17.02 -12.79
CA LYS A 317 -16.95 16.12 -13.81
C LYS A 317 -15.89 15.11 -14.21
N VAL A 318 -14.64 15.58 -14.27
CA VAL A 318 -13.52 14.71 -14.63
C VAL A 318 -13.33 13.68 -13.51
N LEU A 319 -13.42 14.11 -12.25
CA LEU A 319 -13.32 13.15 -11.15
C LEU A 319 -14.43 12.08 -11.21
N GLN A 320 -15.65 12.48 -11.54
CA GLN A 320 -16.73 11.51 -11.70
C GLN A 320 -16.37 10.44 -12.72
N TYR A 321 -15.76 10.85 -13.82
CA TYR A 321 -15.31 9.90 -14.84
C TYR A 321 -14.21 9.00 -14.31
N ILE A 322 -13.28 9.58 -13.56
CA ILE A 322 -12.16 8.80 -13.03
C ILE A 322 -12.69 7.72 -12.08
N GLY A 323 -13.75 8.04 -11.35
CA GLY A 323 -14.33 7.09 -10.39
C GLY A 323 -15.25 6.08 -11.04
N THR A 324 -14.79 5.47 -12.13
CA THR A 324 -15.59 4.42 -12.81
C THR A 324 -14.72 3.23 -13.14
N ALA A 325 -15.36 2.06 -13.29
CA ALA A 325 -14.63 0.85 -13.73
C ALA A 325 -13.99 1.10 -15.09
N GLU A 326 -14.66 1.81 -15.98
CA GLU A 326 -14.09 1.98 -17.32
C GLU A 326 -12.78 2.74 -17.25
N ALA A 327 -12.73 3.76 -16.41
CA ALA A 327 -11.53 4.58 -16.30
C ALA A 327 -10.40 3.72 -15.75
N GLU A 328 -10.72 2.92 -14.73
CA GLU A 328 -9.67 2.07 -14.14
C GLU A 328 -9.16 1.07 -15.16
N ALA A 329 -10.07 0.42 -15.89
CA ALA A 329 -9.61 -0.58 -16.86
C ALA A 329 -8.72 0.05 -17.94
N ALA A 330 -9.12 1.23 -18.40
CA ALA A 330 -8.35 1.95 -19.44
C ALA A 330 -6.94 2.27 -18.96
N PHE A 331 -6.82 2.90 -17.79
CA PHE A 331 -5.50 3.26 -17.26
C PHE A 331 -4.62 2.05 -17.04
N LEU A 332 -5.25 0.95 -16.59
CA LEU A 332 -4.48 -0.24 -16.22
C LEU A 332 -4.11 -1.22 -17.34
N LYS A 333 -4.50 -0.91 -18.58
CA LYS A 333 -4.21 -1.83 -19.70
C LYS A 333 -2.75 -2.30 -19.74
N THR A 334 -1.82 -1.37 -19.53
CA THR A 334 -0.41 -1.70 -19.60
C THR A 334 0.26 -1.84 -18.23
N ASP A 335 -0.52 -1.87 -17.15
CA ASP A 335 -0.01 -2.00 -15.79
C ASP A 335 -0.24 -3.45 -15.38
N HIS A 336 0.83 -4.18 -15.07
CA HIS A 336 0.69 -5.59 -14.78
C HIS A 336 0.44 -5.99 -13.34
N TRP A 337 0.46 -5.04 -12.40
CA TRP A 337 0.35 -5.41 -10.97
C TRP A 337 -0.75 -4.68 -10.22
N ASP A 338 -0.91 -3.39 -10.49
CA ASP A 338 -1.99 -2.64 -9.83
C ASP A 338 -3.37 -3.10 -10.28
N VAL A 339 -4.34 -2.97 -9.39
CA VAL A 339 -5.72 -3.34 -9.71
C VAL A 339 -6.71 -2.28 -9.25
N GLY A 340 -7.73 -2.10 -10.09
CA GLY A 340 -8.81 -1.15 -9.79
C GLY A 340 -9.60 -1.49 -8.51
N LEU A 341 -10.16 -0.45 -7.89
CA LEU A 341 -10.98 -0.63 -6.68
C LEU A 341 -12.47 -0.77 -6.99
N ALA A 342 -12.85 -0.53 -8.24
CA ALA A 342 -14.28 -0.59 -8.57
C ALA A 342 -14.88 -1.98 -8.33
N ASN A 343 -16.06 -2.02 -7.70
CA ASN A 343 -16.69 -3.32 -7.43
C ASN A 343 -16.91 -4.15 -8.71
N GLY A 344 -16.51 -5.40 -8.70
CA GLY A 344 -16.76 -6.31 -9.80
C GLY A 344 -15.90 -6.08 -11.03
N LEU A 345 -14.87 -5.24 -10.90
CA LEU A 345 -14.03 -5.04 -12.05
C LEU A 345 -12.94 -6.09 -12.17
N ILE A 346 -12.99 -6.90 -13.22
CA ILE A 346 -11.90 -7.81 -13.62
C ILE A 346 -11.61 -7.41 -15.05
N ALA A 347 -10.60 -6.56 -15.23
CA ALA A 347 -10.27 -6.04 -16.55
C ALA A 347 -9.74 -7.14 -17.48
N PRO A 348 -9.98 -6.99 -18.78
CA PRO A 348 -9.61 -8.04 -19.74
C PRO A 348 -8.12 -8.24 -19.84
N THR A 349 -7.36 -7.26 -19.37
CA THR A 349 -5.91 -7.36 -19.42
C THR A 349 -5.29 -7.96 -18.15
N TYR A 350 -6.06 -8.16 -17.09
CA TYR A 350 -5.46 -8.67 -15.86
C TYR A 350 -4.84 -10.08 -16.00
N ASN A 351 -3.67 -10.28 -15.39
CA ASN A 351 -3.11 -11.61 -15.20
C ASN A 351 -3.67 -12.29 -13.91
N ASP A 352 -3.22 -13.52 -13.65
CA ASP A 352 -3.79 -14.28 -12.56
C ASP A 352 -3.53 -13.64 -11.19
N ILE A 353 -2.33 -13.07 -11.05
CA ILE A 353 -1.92 -12.39 -9.82
C ILE A 353 -2.85 -11.22 -9.57
N GLN A 354 -3.12 -10.43 -10.62
CA GLN A 354 -4.10 -9.32 -10.50
C GLN A 354 -5.51 -9.80 -10.15
N LYS A 355 -5.97 -10.85 -10.82
CA LYS A 355 -7.30 -11.35 -10.50
C LYS A 355 -7.39 -11.73 -9.02
N LYS A 356 -6.39 -12.43 -8.49
CA LYS A 356 -6.45 -12.78 -7.09
C LYS A 356 -6.32 -11.54 -6.19
N SER A 357 -5.54 -10.57 -6.65
CA SER A 357 -5.35 -9.33 -5.88
C SER A 357 -6.68 -8.60 -5.69
N VAL A 358 -7.48 -8.53 -6.76
CA VAL A 358 -8.80 -7.87 -6.69
C VAL A 358 -9.65 -8.59 -5.65
N ALA A 359 -9.65 -9.91 -5.72
CA ALA A 359 -10.46 -10.69 -4.81
C ALA A 359 -10.04 -10.51 -3.35
N GLU A 360 -8.73 -10.60 -3.10
CA GLU A 360 -8.25 -10.54 -1.72
C GLU A 360 -8.28 -9.13 -1.15
N ILE A 361 -7.91 -8.13 -1.96
CA ILE A 361 -8.08 -6.77 -1.46
C ILE A 361 -9.55 -6.40 -1.21
N GLY A 362 -10.43 -6.88 -2.07
CA GLY A 362 -11.87 -6.57 -1.91
C GLY A 362 -12.53 -7.16 -0.67
N LYS A 363 -11.96 -8.24 -0.15
CA LYS A 363 -12.46 -8.86 1.09
C LYS A 363 -12.12 -8.04 2.34
N CYS A 364 -11.09 -7.20 2.28
CA CYS A 364 -10.69 -6.45 3.47
C CYS A 364 -11.72 -5.39 3.90
N LYS A 365 -11.98 -5.34 5.19
CA LYS A 365 -12.87 -4.34 5.81
C LYS A 365 -12.28 -2.92 5.66
N SER A 366 -10.97 -2.83 5.80
CA SER A 366 -10.21 -1.57 5.68
C SER A 366 -8.85 -1.91 5.12
N VAL A 367 -8.26 -0.98 4.37
CA VAL A 367 -6.89 -1.19 3.90
C VAL A 367 -6.02 -0.05 4.37
N SER A 368 -4.85 -0.41 4.88
CA SER A 368 -3.86 0.58 5.24
C SER A 368 -3.00 0.84 4.01
N GLN A 369 -2.05 1.78 4.10
CA GLN A 369 -1.41 2.31 2.90
C GLN A 369 0.10 2.14 2.91
N PHE A 370 0.59 1.27 3.81
CA PHE A 370 2.03 1.04 4.08
C PHE A 370 2.55 2.13 5.01
N MET A 371 3.46 1.78 5.90
CA MET A 371 3.91 2.73 6.92
C MET A 371 4.38 4.07 6.35
N GLU A 372 5.07 4.04 5.23
CA GLU A 372 5.57 5.27 4.62
C GLU A 372 4.50 6.29 4.22
N ARG A 373 3.27 5.83 4.04
CA ARG A 373 2.16 6.72 3.68
C ARG A 373 1.19 6.90 4.83
N ASP A 374 1.19 5.99 5.80
CA ASP A 374 0.23 6.15 6.90
C ASP A 374 0.72 7.05 8.04
N THR A 375 2.03 7.24 8.12
CA THR A 375 2.60 8.16 9.11
C THR A 375 3.37 9.23 8.36
N VAL A 376 3.95 10.18 9.08
CA VAL A 376 4.78 11.15 8.37
C VAL A 376 6.13 10.59 7.97
N PRO A 377 6.70 11.10 6.88
CA PRO A 377 7.96 10.54 6.41
C PRO A 377 9.07 10.42 7.44
N ASP A 378 9.27 11.48 8.24
CA ASP A 378 10.29 11.49 9.28
C ASP A 378 10.08 10.32 10.26
N MET A 379 8.81 9.99 10.55
CA MET A 379 8.51 8.90 11.52
C MET A 379 8.80 7.55 10.89
N ALA A 380 8.32 7.32 9.67
CA ALA A 380 8.69 6.08 8.98
C ALA A 380 10.18 5.90 8.81
N ASN A 381 10.88 6.97 8.47
CA ASN A 381 12.34 6.86 8.28
C ASN A 381 13.06 6.53 9.57
N ALA A 382 12.54 7.05 10.67
CA ALA A 382 13.13 6.78 11.98
C ALA A 382 12.94 5.29 12.30
N MET A 383 11.78 4.74 11.93
CA MET A 383 11.50 3.33 12.22
C MET A 383 12.36 2.39 11.40
N ILE A 384 12.73 2.79 10.18
CA ILE A 384 13.60 1.95 9.36
C ILE A 384 14.83 1.47 10.12
N LYS A 385 15.57 2.42 10.70
CA LYS A 385 16.80 2.08 11.37
C LYS A 385 16.52 1.30 12.64
N LEU A 386 15.45 1.68 13.34
CA LEU A 386 15.14 1.01 14.61
C LEU A 386 14.75 -0.44 14.34
N ILE A 387 14.03 -0.69 13.23
CA ILE A 387 13.65 -2.05 12.90
C ILE A 387 14.85 -2.87 12.47
N GLN A 388 15.82 -2.23 11.83
CA GLN A 388 17.07 -2.92 11.47
C GLN A 388 17.81 -3.32 12.73
N GLN A 389 17.78 -2.44 13.73
CA GLN A 389 18.42 -2.73 15.00
C GLN A 389 17.75 -3.95 15.68
N PHE A 390 16.42 -4.03 15.61
CA PHE A 390 15.70 -5.19 16.13
C PHE A 390 16.09 -6.48 15.39
N ILE A 391 16.08 -6.42 14.06
CA ILE A 391 16.45 -7.56 13.23
C ILE A 391 17.85 -8.05 13.60
N ASP A 392 18.80 -7.13 13.82
CA ASP A 392 20.17 -7.50 14.22
C ASP A 392 20.25 -8.24 15.56
N GLN A 393 19.36 -7.90 16.48
CA GLN A 393 19.36 -8.49 17.83
C GLN A 393 17.94 -8.50 18.38
N PRO A 394 17.17 -9.54 18.03
CA PRO A 394 15.74 -9.60 18.42
C PRO A 394 15.45 -10.08 19.83
N THR A 395 15.83 -9.24 20.81
CA THR A 395 15.70 -9.56 22.21
C THR A 395 14.81 -8.58 22.96
N PRO A 396 14.37 -8.97 24.17
CA PRO A 396 13.60 -8.04 24.99
C PRO A 396 14.28 -6.68 25.22
N GLU A 397 15.59 -6.69 25.41
CA GLU A 397 16.29 -5.43 25.68
C GLU A 397 16.30 -4.55 24.45
N THR A 398 16.43 -5.17 23.29
CA THR A 398 16.47 -4.40 22.06
C THR A 398 15.07 -3.82 21.83
N ILE A 399 14.03 -4.61 22.14
CA ILE A 399 12.67 -4.10 22.03
C ILE A 399 12.46 -2.89 22.91
N ALA A 400 12.95 -2.94 24.15
CA ALA A 400 12.79 -1.79 25.02
C ALA A 400 13.52 -0.58 24.42
N THR A 401 14.69 -0.81 23.84
CA THR A 401 15.48 0.29 23.26
C THR A 401 14.72 0.91 22.08
N VAL A 402 14.18 0.03 21.24
CA VAL A 402 13.44 0.46 20.05
C VAL A 402 12.20 1.24 20.43
N GLN A 403 11.48 0.76 21.44
CA GLN A 403 10.28 1.48 21.85
C GLN A 403 10.59 2.87 22.37
N LYS A 404 11.61 2.97 23.22
CA LYS A 404 11.98 4.27 23.77
C LYS A 404 12.46 5.20 22.67
N SER A 405 13.36 4.70 21.82
CA SER A 405 13.88 5.51 20.72
C SER A 405 12.78 5.99 19.77
N ALA A 406 11.85 5.09 19.46
CA ALA A 406 10.75 5.46 18.57
C ALA A 406 9.83 6.51 19.19
N GLU A 407 9.53 6.35 20.47
CA GLU A 407 8.65 7.30 21.14
C GLU A 407 9.31 8.67 21.24
N ASP A 408 10.60 8.69 21.52
CA ASP A 408 11.28 9.97 21.65
C ASP A 408 11.31 10.68 20.30
N GLN A 409 11.50 9.90 19.23
CA GLN A 409 11.51 10.48 17.87
C GLN A 409 10.11 11.03 17.61
N ALA A 410 9.10 10.22 17.95
CA ALA A 410 7.73 10.63 17.72
C ALA A 410 7.37 11.91 18.44
N LYS A 411 7.83 12.07 19.68
CA LYS A 411 7.51 13.32 20.39
C LYS A 411 8.08 14.54 19.68
N THR A 412 9.25 14.40 19.04
CA THR A 412 9.83 15.53 18.32
C THR A 412 9.15 15.81 17.00
N ILE A 413 8.73 14.75 16.32
CA ILE A 413 8.13 14.85 14.99
C ILE A 413 6.69 15.34 14.99
N PHE A 414 5.92 14.91 15.98
CA PHE A 414 4.51 15.25 16.02
C PHE A 414 4.25 16.46 16.91
N ARG A 415 5.31 17.12 17.37
CA ARG A 415 5.11 18.27 18.29
C ARG A 415 4.01 19.21 17.83
S SO4 B . -5.63 -19.72 -6.30
O1 SO4 B . -4.68 -19.48 -5.23
O2 SO4 B . -6.42 -20.90 -5.95
O3 SO4 B . -4.94 -19.94 -7.56
O4 SO4 B . -6.52 -18.58 -6.45
S SO4 C . 22.53 -13.93 -0.36
O1 SO4 C . 23.66 -13.41 -1.14
O2 SO4 C . 22.74 -13.61 1.05
O3 SO4 C . 21.33 -13.27 -0.86
O4 SO4 C . 22.42 -15.37 -0.48
S SO4 D . -18.47 -3.80 1.96
O1 SO4 D . -19.11 -3.99 3.26
O2 SO4 D . -19.07 -4.74 1.01
O3 SO4 D . -18.67 -2.42 1.54
O4 SO4 D . -17.04 -4.10 2.06
C1 GOL E . 5.71 5.53 -3.24
O1 GOL E . 6.10 4.17 -3.28
C2 GOL E . 6.10 6.11 -1.88
O2 GOL E . 5.04 5.91 -0.99
C3 GOL E . 6.26 7.61 -2.03
O3 GOL E . 4.95 8.16 -2.04
C1 GOL F . 1.77 3.39 -10.28
O1 GOL F . 3.01 2.93 -9.76
C2 GOL F . 1.83 3.57 -11.79
O2 GOL F . 2.93 2.93 -12.42
C3 GOL F . 0.48 3.14 -12.36
O3 GOL F . 0.55 2.47 -13.60
C1 GOL G . -12.65 27.88 -9.05
O1 GOL G . -13.67 26.93 -9.04
C2 GOL G . -13.28 29.13 -9.63
O2 GOL G . -14.32 28.66 -10.46
C3 GOL G . -12.26 29.86 -10.47
O3 GOL G . -12.39 29.37 -11.78
C1 GOL H . -22.41 6.61 2.39
O1 GOL H . -21.65 5.44 2.23
C2 GOL H . -21.50 7.84 2.35
O2 GOL H . -20.73 7.80 1.17
C3 GOL H . -20.59 7.83 3.58
O3 GOL H . -20.28 6.50 3.92
C1 GOL I . -15.21 25.49 -5.47
O1 GOL I . -15.64 24.15 -5.42
C2 GOL I . -13.84 25.68 -4.82
O2 GOL I . -12.96 24.63 -5.18
C3 GOL I . -13.26 27.01 -5.26
O3 GOL I . -12.46 26.82 -6.41
#